data_4ZS3
#
_entry.id   4ZS3
#
_cell.length_a   142.239
_cell.length_b   142.239
_cell.length_c   83.426
_cell.angle_alpha   90.00
_cell.angle_beta   90.00
_cell.angle_gamma   120.00
#
_symmetry.space_group_name_H-M   'H 3'
#
loop_
_entity.id
_entity.type
_entity.pdbx_description
1 polymer 'Alpha-ketoglutarate-dependent dioxygenase FTO'
2 non-polymer '2-OXOGLUTARIC ACID'
3 non-polymer '5-amino-2-(6-hydroxy-3-oxo-3H-xanthen-9-yl)benzoic acid'
4 non-polymer 'MANGANESE (II) ION'
5 water water
#
_entity_poly.entity_id   1
_entity_poly.type   'polypeptide(L)'
_entity_poly.pdbx_seq_one_letter_code
;GSHMTPKDDEFYQQWQLKYPKLILREASSVSEELHKEVQEAFLTLHKHGCLFRDLVRIQGKDLLTPVSRILIGNPGCTYK
YLNTRLFTVPWPVKGSNIKHTEAEIAAACETFLKLNDYLQIETIQALEELAAKEKANEDAVPLCMSADFPRVGMGSSYNG
QDEVDIKSRAAYNVTLLNFMDPQKMPYLKEEPYFGMGKMAVSWHHDENLVDRSAVAVYSYSCEGPEEESEDDSHLEGRDP
DIWHVGFKISWDIETPGLAIPLHQGDCYFMLDDLNATHQHCVLAGSQPRFSSTHRVAECSTGTLDYILQRCQLALQNVCD
DVDNDDVSLKSFEPAVLKQGEEIHNEVEFEWLRQFWFQGNRYRKCTDWWCQPMAQLEALWKKMEGVTNAVLHEVKREGLP
VEQRNEILTAILASLTARQNLRREWHARCQSRIARTLPADQKPECRPYWEKDDASMPLPFDLTDIVSELRGQLLEAKP
;
_entity_poly.pdbx_strand_id   A
#
loop_
_chem_comp.id
_chem_comp.type
_chem_comp.name
_chem_comp.formula
A4F non-polymer '5-amino-2-(6-hydroxy-3-oxo-3H-xanthen-9-yl)benzoic acid' 'C20 H13 N O5'
AKG non-polymer '2-OXOGLUTARIC ACID' 'C5 H6 O5'
MN non-polymer 'MANGANESE (II) ION' 'Mn 2'
#
# COMPACT_ATOMS: atom_id res chain seq x y z
N GLY A 1 27.78 -14.52 -12.14
CA GLY A 1 26.57 -14.33 -13.00
C GLY A 1 26.75 -13.23 -14.02
N SER A 2 25.92 -13.24 -15.06
CA SER A 2 25.99 -12.22 -16.12
C SER A 2 24.59 -11.82 -16.58
N HIS A 3 24.51 -10.75 -17.37
CA HIS A 3 23.22 -10.28 -17.90
C HIS A 3 23.28 -9.93 -19.38
N MET A 4 22.12 -9.88 -20.02
CA MET A 4 21.99 -9.56 -21.45
C MET A 4 21.23 -8.27 -21.71
N THR A 5 21.70 -7.52 -22.69
CA THR A 5 21.07 -6.29 -23.15
C THR A 5 20.90 -6.40 -24.67
N PRO A 6 20.28 -5.39 -25.31
CA PRO A 6 20.22 -5.43 -26.78
C PRO A 6 21.58 -5.57 -27.49
N LYS A 7 22.66 -5.31 -26.78
CA LYS A 7 24.01 -5.46 -27.32
C LYS A 7 24.40 -6.93 -27.56
N ASP A 8 23.69 -7.84 -26.91
CA ASP A 8 23.98 -9.26 -27.01
C ASP A 8 23.08 -9.89 -28.03
N ASP A 9 23.63 -10.84 -28.79
CA ASP A 9 22.86 -11.53 -29.83
C ASP A 9 21.84 -12.46 -29.19
N GLU A 10 22.19 -13.01 -28.03
CA GLU A 10 21.33 -13.96 -27.31
C GLU A 10 20.14 -13.29 -26.62
N PHE A 11 20.20 -11.97 -26.46
CA PHE A 11 19.15 -11.19 -25.78
C PHE A 11 17.77 -11.47 -26.35
N TYR A 12 17.69 -11.47 -27.67
CA TYR A 12 16.43 -11.43 -28.38
C TYR A 12 15.76 -12.80 -28.30
N GLN A 13 16.52 -13.86 -28.53
CA GLN A 13 15.98 -15.20 -28.39
C GLN A 13 15.67 -15.50 -26.92
N GLN A 14 16.47 -14.98 -25.99
CA GLN A 14 16.21 -15.20 -24.58
C GLN A 14 14.86 -14.61 -24.23
N TRP A 15 14.63 -13.37 -24.66
CA TRP A 15 13.38 -12.70 -24.38
C TRP A 15 12.21 -13.48 -25.01
N GLN A 16 12.29 -13.78 -26.30
CA GLN A 16 11.24 -14.50 -27.01
C GLN A 16 10.89 -15.85 -26.40
N LEU A 17 11.89 -16.55 -25.89
CA LEU A 17 11.67 -17.87 -25.31
C LEU A 17 11.22 -17.81 -23.86
N LYS A 18 12.03 -17.16 -23.01
CA LYS A 18 11.87 -17.23 -21.55
C LYS A 18 11.12 -16.03 -20.93
N TYR A 19 10.57 -15.16 -21.77
CA TYR A 19 9.83 -13.98 -21.30
C TYR A 19 8.73 -13.56 -22.27
N PRO A 20 8.00 -14.53 -22.84
CA PRO A 20 6.89 -14.07 -23.68
C PRO A 20 5.89 -13.19 -22.91
N LYS A 21 5.88 -13.25 -21.58
CA LYS A 21 4.91 -12.43 -20.82
C LYS A 21 5.42 -11.04 -20.44
N LEU A 22 6.62 -10.69 -20.89
CA LEU A 22 7.13 -9.34 -20.77
C LEU A 22 7.00 -8.66 -22.12
N ILE A 23 6.27 -7.55 -22.16
CA ILE A 23 6.09 -6.78 -23.39
C ILE A 23 6.66 -5.36 -23.23
N LEU A 24 7.28 -4.86 -24.30
CA LEU A 24 7.78 -3.51 -24.37
C LEU A 24 7.07 -2.85 -25.54
N ARG A 25 6.55 -1.66 -25.31
CA ARG A 25 5.93 -0.86 -26.34
C ARG A 25 6.67 0.46 -26.28
N GLU A 26 7.47 0.72 -27.29
CA GLU A 26 8.40 1.86 -27.25
C GLU A 26 7.67 3.15 -27.44
N ALA A 27 8.32 4.23 -27.04
CA ALA A 27 7.70 5.56 -27.08
C ALA A 27 6.96 5.82 -28.41
N SER A 28 7.56 5.37 -29.51
CA SER A 28 6.98 5.47 -30.87
C SER A 28 5.51 5.06 -30.97
N SER A 29 5.13 3.99 -30.28
CA SER A 29 3.79 3.43 -30.39
C SER A 29 2.73 4.22 -29.62
N VAL A 30 3.12 5.33 -28.98
CA VAL A 30 2.22 6.13 -28.14
C VAL A 30 2.17 7.56 -28.67
N SER A 31 0.97 8.13 -28.77
CA SER A 31 0.80 9.45 -29.35
C SER A 31 1.57 10.54 -28.60
N GLU A 32 2.20 11.44 -29.36
CA GLU A 32 2.88 12.62 -28.83
C GLU A 32 1.96 13.50 -27.99
N GLU A 33 0.65 13.49 -28.29
CA GLU A 33 -0.34 14.18 -27.45
C GLU A 33 -0.22 13.67 -26.01
N LEU A 34 -0.35 12.35 -25.86
CA LEU A 34 -0.33 11.72 -24.56
C LEU A 34 0.99 11.98 -23.82
N HIS A 35 2.10 11.74 -24.50
CA HIS A 35 3.43 11.96 -23.92
C HIS A 35 3.57 13.32 -23.25
N LYS A 36 3.20 14.36 -23.98
CA LYS A 36 3.33 15.73 -23.48
C LYS A 36 2.48 15.88 -22.22
N GLU A 37 1.22 15.46 -22.34
CA GLU A 37 0.27 15.57 -21.25
C GLU A 37 0.72 14.86 -19.96
N VAL A 38 1.19 13.60 -20.07
CA VAL A 38 1.54 12.86 -18.85
C VAL A 38 2.87 13.37 -18.30
N GLN A 39 3.77 13.79 -19.17
CA GLN A 39 5.04 14.34 -18.71
C GLN A 39 4.83 15.66 -17.97
N GLU A 40 3.98 16.51 -18.54
CA GLU A 40 3.55 17.72 -17.86
C GLU A 40 2.95 17.38 -16.48
N ALA A 41 2.08 16.37 -16.44
CA ALA A 41 1.43 15.96 -15.20
C ALA A 41 2.46 15.54 -14.14
N PHE A 42 3.43 14.71 -14.52
CA PHE A 42 4.52 14.39 -13.61
C PHE A 42 5.13 15.68 -13.07
N LEU A 43 5.52 16.58 -13.98
CA LEU A 43 6.25 17.80 -13.60
C LEU A 43 5.47 18.78 -12.71
N THR A 44 4.17 18.97 -12.98
CA THR A 44 3.37 19.85 -12.11
C THR A 44 3.31 19.21 -10.72
N LEU A 45 2.97 17.93 -10.71
CA LEU A 45 2.84 17.13 -9.48
C LEU A 45 4.11 17.20 -8.65
N HIS A 46 5.27 17.13 -9.31
CA HIS A 46 6.55 17.31 -8.63
C HIS A 46 6.68 18.73 -8.08
N LYS A 47 6.34 19.72 -8.91
CA LYS A 47 6.46 21.13 -8.53
C LYS A 47 5.57 21.46 -7.34
N HIS A 48 4.36 20.90 -7.34
CA HIS A 48 3.42 21.06 -6.23
C HIS A 48 3.86 20.31 -4.96
N GLY A 49 4.95 19.55 -5.04
CA GLY A 49 5.47 18.79 -3.89
C GLY A 49 4.53 17.69 -3.46
N CYS A 50 3.99 16.95 -4.43
CA CYS A 50 2.98 15.93 -4.16
C CYS A 50 3.56 14.54 -3.87
N LEU A 51 4.80 14.29 -4.27
CA LEU A 51 5.42 12.98 -4.10
C LEU A 51 6.32 12.90 -2.87
N PHE A 52 6.15 11.85 -2.08
CA PHE A 52 6.89 11.72 -0.84
C PHE A 52 7.59 10.40 -0.73
N ARG A 53 8.74 10.43 -0.08
CA ARG A 53 9.40 9.22 0.37
C ARG A 53 8.58 8.69 1.55
N ASP A 54 8.44 7.37 1.61
CA ASP A 54 7.61 6.71 2.61
C ASP A 54 8.50 6.15 3.71
N LEU A 55 8.01 6.18 4.93
CA LEU A 55 8.75 5.68 6.07
C LEU A 55 8.29 4.23 6.34
N VAL A 56 8.76 3.33 5.49
CA VAL A 56 8.34 1.93 5.50
C VAL A 56 9.07 1.10 6.55
N ARG A 57 8.72 -0.18 6.61
CA ARG A 57 9.25 -1.11 7.58
C ARG A 57 9.49 -2.45 6.88
N ILE A 58 10.73 -2.93 6.89
CA ILE A 58 11.07 -4.22 6.29
C ILE A 58 12.06 -4.99 7.17
N GLN A 59 11.66 -6.22 7.52
CA GLN A 59 12.41 -7.12 8.41
C GLN A 59 12.91 -6.45 9.69
N GLY A 60 12.01 -5.73 10.35
CA GLY A 60 12.31 -5.07 11.62
C GLY A 60 12.85 -3.65 11.49
N LYS A 61 13.37 -3.30 10.31
CA LYS A 61 14.12 -2.06 10.12
C LYS A 61 13.19 -0.97 9.57
N ASP A 62 13.28 0.23 10.14
CA ASP A 62 12.59 1.40 9.58
C ASP A 62 13.48 2.06 8.52
N LEU A 63 12.94 2.22 7.31
CA LEU A 63 13.71 2.75 6.18
C LEU A 63 12.93 3.78 5.41
N LEU A 64 13.57 4.90 5.09
CA LEU A 64 13.05 5.83 4.10
C LEU A 64 13.24 5.21 2.73
N THR A 65 12.23 5.34 1.86
CA THR A 65 12.40 4.87 0.48
C THR A 65 13.24 5.89 -0.28
N PRO A 66 14.25 5.42 -1.03
CA PRO A 66 14.99 6.35 -1.90
C PRO A 66 14.10 7.01 -2.94
N VAL A 67 13.09 6.29 -3.40
CA VAL A 67 12.15 6.79 -4.40
C VAL A 67 11.03 7.52 -3.70
N SER A 68 10.57 8.61 -4.31
CA SER A 68 9.45 9.38 -3.79
C SER A 68 8.23 9.10 -4.65
N ARG A 69 7.05 9.11 -4.03
CA ARG A 69 5.87 8.55 -4.70
C ARG A 69 4.56 9.16 -4.24
N ILE A 70 3.53 8.90 -5.05
CA ILE A 70 2.16 9.20 -4.70
C ILE A 70 1.28 8.14 -5.31
N LEU A 71 0.22 7.77 -4.62
CA LEU A 71 -0.76 6.82 -5.14
C LEU A 71 -1.93 7.59 -5.72
N ILE A 72 -2.35 7.24 -6.95
CA ILE A 72 -3.52 7.85 -7.58
C ILE A 72 -4.40 6.72 -8.06
N GLY A 73 -5.71 6.89 -7.97
CA GLY A 73 -6.61 5.84 -8.41
C GLY A 73 -8.03 6.03 -8.00
N ASN A 74 -8.80 4.94 -8.06
CA ASN A 74 -10.22 4.96 -7.70
C ASN A 74 -10.45 5.55 -6.31
N PRO A 75 -11.51 6.37 -6.16
CA PRO A 75 -11.88 6.95 -4.88
C PRO A 75 -12.12 5.90 -3.81
N GLY A 76 -11.55 6.10 -2.64
CA GLY A 76 -11.80 5.19 -1.53
C GLY A 76 -10.95 3.93 -1.55
N CYS A 77 -10.04 3.81 -2.52
CA CYS A 77 -9.25 2.60 -2.70
C CYS A 77 -7.88 2.80 -2.04
N THR A 78 -7.28 1.70 -1.60
CA THR A 78 -5.96 1.76 -0.97
C THR A 78 -5.07 0.65 -1.53
N TYR A 79 -3.76 0.82 -1.33
CA TYR A 79 -2.76 -0.14 -1.78
C TYR A 79 -1.68 -0.28 -0.70
N LYS A 80 -1.55 -1.49 -0.19
CA LYS A 80 -0.60 -1.80 0.86
C LYS A 80 0.71 -2.33 0.26
N TYR A 81 1.81 -1.64 0.52
CA TYR A 81 3.13 -2.18 0.17
C TYR A 81 4.17 -1.87 1.27
N LEU A 82 5.05 -2.84 1.52
CA LEU A 82 6.07 -2.76 2.59
C LEU A 82 5.46 -2.26 3.89
N ASN A 83 4.29 -2.82 4.20
CA ASN A 83 3.57 -2.62 5.45
C ASN A 83 2.99 -1.24 5.59
N THR A 84 2.89 -0.51 4.48
CA THR A 84 2.37 0.85 4.50
C THR A 84 1.13 0.93 3.59
N ARG A 85 0.01 1.40 4.13
CA ARG A 85 -1.20 1.55 3.34
C ARG A 85 -1.25 2.92 2.70
N LEU A 86 -1.05 2.97 1.39
CA LEU A 86 -1.21 4.19 0.61
C LEU A 86 -2.68 4.38 0.28
N PHE A 87 -3.14 5.61 0.39
CA PHE A 87 -4.52 5.99 0.14
C PHE A 87 -4.55 6.79 -1.16
N THR A 88 -5.50 6.49 -2.06
CA THR A 88 -5.50 7.18 -3.36
C THR A 88 -5.82 8.64 -3.23
N VAL A 89 -5.04 9.51 -3.86
CA VAL A 89 -5.61 10.79 -4.27
C VAL A 89 -6.47 10.39 -5.47
N PRO A 90 -7.76 10.74 -5.45
CA PRO A 90 -8.73 10.15 -6.38
C PRO A 90 -8.61 10.71 -7.79
N TRP A 91 -8.93 9.88 -8.78
CA TRP A 91 -9.05 10.35 -10.17
C TRP A 91 -10.52 10.33 -10.58
N PRO A 92 -10.93 11.20 -11.52
CA PRO A 92 -12.36 11.38 -11.80
C PRO A 92 -13.05 10.22 -12.51
N VAL A 93 -13.20 9.10 -11.84
CA VAL A 93 -13.97 7.99 -12.40
C VAL A 93 -15.47 8.35 -12.31
N LYS A 94 -16.29 7.62 -13.08
CA LYS A 94 -17.75 7.75 -13.01
C LYS A 94 -18.26 7.29 -11.64
N THR A 101 -9.91 20.04 -4.63
CA THR A 101 -8.56 19.77 -5.13
C THR A 101 -8.07 20.96 -5.97
N GLU A 102 -6.74 21.13 -6.05
CA GLU A 102 -6.12 22.36 -6.54
C GLU A 102 -6.01 22.45 -8.08
N ALA A 103 -7.15 22.33 -8.76
CA ALA A 103 -7.25 22.39 -10.25
C ALA A 103 -6.12 21.67 -11.00
N GLU A 104 -4.92 22.22 -10.95
CA GLU A 104 -3.74 21.59 -11.56
C GLU A 104 -3.60 20.13 -11.12
N ILE A 105 -3.52 19.91 -9.81
CA ILE A 105 -3.41 18.57 -9.25
C ILE A 105 -4.57 17.68 -9.70
N ALA A 106 -5.77 18.24 -9.77
CA ALA A 106 -6.94 17.48 -10.24
C ALA A 106 -6.80 17.12 -11.72
N ALA A 107 -6.17 18.03 -12.47
CA ALA A 107 -5.94 17.82 -13.89
C ALA A 107 -4.94 16.69 -14.13
N ALA A 108 -3.86 16.68 -13.35
CA ALA A 108 -2.86 15.62 -13.46
C ALA A 108 -3.47 14.26 -13.17
N CYS A 109 -4.35 14.18 -12.19
CA CYS A 109 -5.04 12.93 -11.86
C CYS A 109 -5.93 12.45 -13.00
N GLU A 110 -6.57 13.40 -13.67
CA GLU A 110 -7.39 13.09 -14.84
C GLU A 110 -6.47 12.58 -15.94
N THR A 111 -5.32 13.21 -16.10
CA THR A 111 -4.35 12.77 -17.08
C THR A 111 -3.98 11.30 -16.86
N PHE A 112 -3.58 10.96 -15.65
CA PHE A 112 -3.17 9.59 -15.36
C PHE A 112 -4.34 8.63 -15.47
N LEU A 113 -5.57 9.12 -15.27
CA LEU A 113 -6.75 8.30 -15.55
C LEU A 113 -6.83 7.97 -17.04
N LYS A 114 -6.50 8.91 -17.92
CA LYS A 114 -6.60 8.57 -19.35
C LYS A 114 -5.43 7.69 -19.78
N LEU A 115 -4.24 7.95 -19.23
CA LEU A 115 -3.10 7.02 -19.37
C LEU A 115 -3.56 5.64 -18.99
N ASN A 116 -4.23 5.56 -17.84
CA ASN A 116 -4.79 4.30 -17.36
C ASN A 116 -5.69 3.60 -18.40
N ASP A 117 -6.62 4.35 -18.97
CA ASP A 117 -7.50 3.84 -20.04
C ASP A 117 -6.71 3.30 -21.22
N TYR A 118 -5.69 4.06 -21.65
CA TYR A 118 -4.85 3.64 -22.77
C TYR A 118 -4.11 2.32 -22.47
N LEU A 119 -3.44 2.25 -21.31
CA LEU A 119 -2.66 1.06 -20.96
C LEU A 119 -3.56 -0.14 -20.75
N GLN A 120 -4.73 0.12 -20.22
CA GLN A 120 -5.73 -0.93 -20.07
C GLN A 120 -6.05 -1.56 -21.43
N ILE A 121 -6.32 -0.73 -22.43
CA ILE A 121 -6.60 -1.20 -23.80
C ILE A 121 -5.40 -1.98 -24.34
N GLU A 122 -4.22 -1.41 -24.23
CA GLU A 122 -3.00 -2.07 -24.69
C GLU A 122 -2.84 -3.45 -24.03
N THR A 123 -3.17 -3.53 -22.74
CA THR A 123 -2.96 -4.76 -21.96
C THR A 123 -3.90 -5.87 -22.39
N ILE A 124 -5.19 -5.57 -22.44
CA ILE A 124 -6.18 -6.48 -23.00
C ILE A 124 -5.74 -6.97 -24.37
N GLN A 125 -5.33 -6.05 -25.24
CA GLN A 125 -4.84 -6.43 -26.57
C GLN A 125 -3.77 -7.50 -26.43
N ALA A 126 -2.74 -7.22 -25.63
CA ALA A 126 -1.60 -8.13 -25.47
C ALA A 126 -1.96 -9.49 -24.87
N LEU A 127 -2.88 -9.49 -23.92
CA LEU A 127 -3.35 -10.76 -23.31
C LEU A 127 -4.14 -11.60 -24.34
N GLU A 128 -4.87 -10.92 -25.22
CA GLU A 128 -5.59 -11.58 -26.30
C GLU A 128 -4.60 -12.27 -27.27
N GLU A 129 -3.60 -11.51 -27.75
CA GLU A 129 -2.55 -12.09 -28.57
C GLU A 129 -1.82 -13.24 -27.86
N LEU A 130 -1.58 -13.07 -26.55
CA LEU A 130 -0.91 -14.10 -25.76
C LEU A 130 -1.71 -15.40 -25.67
N ALA A 131 -3.01 -15.31 -25.44
CA ALA A 131 -3.87 -16.49 -25.42
C ALA A 131 -3.89 -17.17 -26.81
N ALA A 132 -3.86 -16.35 -27.87
CA ALA A 132 -3.87 -16.85 -29.25
C ALA A 132 -2.60 -17.63 -29.59
N LYS A 133 -1.45 -17.18 -29.09
CA LYS A 133 -0.20 -17.92 -29.30
C LYS A 133 -0.22 -19.26 -28.54
N GLU A 134 -0.97 -19.33 -27.44
CA GLU A 134 -1.06 -20.56 -26.66
C GLU A 134 -2.14 -21.49 -27.19
N LYS A 135 -1.88 -22.05 -28.38
CA LYS A 135 -2.71 -23.12 -28.99
C LYS A 135 -2.17 -23.55 -30.36
N ASP A 162 -13.45 -16.30 -19.56
CA ASP A 162 -12.09 -16.37 -20.07
C ASP A 162 -11.63 -15.01 -20.58
N GLU A 163 -12.52 -14.30 -21.28
CA GLU A 163 -12.32 -12.87 -21.58
C GLU A 163 -12.79 -11.99 -20.41
N VAL A 164 -13.47 -12.60 -19.43
CA VAL A 164 -13.72 -11.98 -18.12
C VAL A 164 -12.43 -11.97 -17.30
N ASP A 165 -11.73 -13.10 -17.27
CA ASP A 165 -10.41 -13.21 -16.63
C ASP A 165 -9.47 -12.13 -17.18
N ILE A 166 -9.51 -11.93 -18.50
CA ILE A 166 -8.63 -11.00 -19.17
C ILE A 166 -8.94 -9.55 -18.80
N LYS A 167 -10.21 -9.18 -18.82
CA LYS A 167 -10.60 -7.80 -18.56
C LYS A 167 -10.42 -7.43 -17.09
N SER A 168 -10.63 -8.41 -16.21
CA SER A 168 -10.46 -8.21 -14.78
C SER A 168 -8.98 -8.09 -14.43
N ARG A 169 -8.16 -8.90 -15.08
CA ARG A 169 -6.70 -8.86 -14.88
C ARG A 169 -6.03 -7.62 -15.51
N ALA A 170 -6.76 -6.86 -16.32
CA ALA A 170 -6.27 -5.57 -16.86
C ALA A 170 -7.02 -4.36 -16.31
N ALA A 171 -7.89 -4.58 -15.32
CA ALA A 171 -8.76 -3.51 -14.81
C ALA A 171 -8.04 -2.73 -13.73
N TYR A 172 -7.03 -1.98 -14.15
CA TYR A 172 -6.22 -1.22 -13.22
C TYR A 172 -7.11 -0.27 -12.41
N ASN A 173 -6.96 -0.28 -11.08
CA ASN A 173 -7.71 0.62 -10.19
C ASN A 173 -6.85 1.68 -9.51
N VAL A 174 -5.54 1.57 -9.65
CA VAL A 174 -4.61 2.61 -9.18
C VAL A 174 -3.38 2.65 -10.05
N THR A 175 -2.60 3.72 -9.88
CA THR A 175 -1.23 3.78 -10.35
C THR A 175 -0.37 4.36 -9.25
N LEU A 176 0.81 3.79 -9.06
CA LEU A 176 1.76 4.32 -8.11
C LEU A 176 2.81 5.05 -8.91
N LEU A 177 2.91 6.35 -8.68
CA LEU A 177 3.86 7.21 -9.37
C LEU A 177 5.16 7.25 -8.58
N ASN A 178 6.29 7.25 -9.28
CA ASN A 178 7.59 7.20 -8.64
C ASN A 178 8.47 8.29 -9.19
N PHE A 179 9.41 8.75 -8.37
CA PHE A 179 10.45 9.66 -8.82
C PHE A 179 11.74 9.41 -8.07
N MET A 180 12.86 9.48 -8.79
CA MET A 180 14.16 9.50 -8.14
C MET A 180 15.11 10.37 -8.94
N ASP A 181 15.87 11.21 -8.24
CA ASP A 181 17.04 11.89 -8.80
C ASP A 181 18.25 11.16 -8.27
N PRO A 182 18.97 10.43 -9.15
CA PRO A 182 20.08 9.60 -8.68
C PRO A 182 21.28 10.41 -8.17
N GLN A 183 21.43 11.66 -8.65
CA GLN A 183 22.49 12.54 -8.14
C GLN A 183 22.22 13.01 -6.72
N LYS A 184 20.97 12.90 -6.25
CA LYS A 184 20.63 13.17 -4.85
C LYS A 184 21.13 12.09 -3.88
N MET A 185 21.38 10.88 -4.38
CA MET A 185 21.85 9.79 -3.51
C MET A 185 23.38 9.81 -3.43
N PRO A 186 23.93 9.77 -2.20
CA PRO A 186 25.39 9.78 -2.06
C PRO A 186 26.07 8.50 -2.61
N TYR A 187 25.37 7.38 -2.54
CA TYR A 187 25.92 6.10 -2.97
C TYR A 187 24.80 5.12 -3.30
N LEU A 188 24.82 4.57 -4.51
CA LEU A 188 23.80 3.62 -4.90
C LEU A 188 24.30 2.20 -4.75
N LYS A 189 23.37 1.32 -4.41
CA LYS A 189 23.67 -0.08 -4.21
C LYS A 189 23.98 -0.75 -5.55
N GLU A 190 24.94 -1.67 -5.55
CA GLU A 190 25.27 -2.48 -6.71
C GLU A 190 24.29 -3.66 -6.83
N GLU A 191 23.85 -3.92 -8.07
CA GLU A 191 23.05 -5.09 -8.36
C GLU A 191 23.93 -6.32 -8.13
N PRO A 192 23.54 -7.20 -7.20
CA PRO A 192 24.51 -8.17 -6.65
C PRO A 192 24.74 -9.48 -7.39
N TYR A 193 23.88 -9.84 -8.34
CA TYR A 193 23.97 -11.18 -8.97
C TYR A 193 24.48 -11.21 -10.41
N PHE A 194 24.28 -10.15 -11.19
CA PHE A 194 24.57 -10.19 -12.62
C PHE A 194 25.42 -9.03 -13.15
N GLY A 195 25.91 -8.18 -12.26
CA GLY A 195 26.73 -7.03 -12.66
C GLY A 195 25.97 -5.96 -13.44
N MET A 196 24.69 -5.76 -13.11
CA MET A 196 23.88 -4.78 -13.83
C MET A 196 24.17 -3.35 -13.40
N GLY A 197 25.00 -3.19 -12.36
CA GLY A 197 25.40 -1.88 -11.89
C GLY A 197 24.42 -1.37 -10.86
N LYS A 198 24.20 -0.06 -10.89
CA LYS A 198 23.51 0.64 -9.84
C LYS A 198 22.01 0.38 -9.86
N MET A 199 21.42 0.16 -8.68
CA MET A 199 19.98 -0.09 -8.55
C MET A 199 19.29 1.04 -7.84
N ALA A 200 18.21 1.54 -8.43
CA ALA A 200 17.33 2.46 -7.74
C ALA A 200 16.43 1.67 -6.77
N VAL A 201 15.88 0.56 -7.26
CA VAL A 201 14.98 -0.33 -6.50
C VAL A 201 15.49 -1.77 -6.60
N SER A 202 15.52 -2.48 -5.47
CA SER A 202 16.09 -3.82 -5.41
C SER A 202 15.16 -4.85 -6.02
N TRP A 203 15.68 -6.06 -6.25
CA TRP A 203 14.90 -7.16 -6.78
C TRP A 203 13.69 -7.39 -5.89
N HIS A 204 12.48 -7.37 -6.49
CA HIS A 204 11.24 -7.67 -5.78
C HIS A 204 10.13 -8.12 -6.74
N HIS A 205 8.98 -8.48 -6.16
CA HIS A 205 7.70 -8.66 -6.88
C HIS A 205 6.79 -7.49 -6.52
N ASP A 206 5.92 -7.08 -7.43
CA ASP A 206 4.85 -6.14 -7.06
C ASP A 206 3.85 -6.93 -6.21
N GLU A 207 3.74 -6.56 -4.94
CA GLU A 207 2.94 -7.33 -4.00
C GLU A 207 1.49 -6.87 -3.95
N ASN A 208 0.66 -7.72 -3.34
CA ASN A 208 -0.76 -7.45 -3.07
C ASN A 208 -1.56 -7.05 -4.31
N LEU A 209 -1.40 -7.83 -5.38
CA LEU A 209 -2.13 -7.60 -6.61
C LEU A 209 -3.09 -8.74 -6.80
N VAL A 210 -4.15 -8.51 -7.56
CA VAL A 210 -5.04 -9.60 -7.93
C VAL A 210 -4.21 -10.68 -8.61
N ASP A 211 -4.53 -11.94 -8.32
CA ASP A 211 -3.82 -13.08 -8.89
C ASP A 211 -3.72 -12.94 -10.39
N ARG A 212 -2.50 -13.12 -10.90
CA ARG A 212 -2.23 -13.07 -12.33
C ARG A 212 -2.63 -11.77 -13.01
N SER A 213 -2.78 -10.70 -12.25
CA SER A 213 -3.11 -9.43 -12.86
C SER A 213 -1.85 -8.85 -13.49
N ALA A 214 -2.08 -8.05 -14.51
CA ALA A 214 -1.02 -7.48 -15.30
C ALA A 214 -0.55 -6.20 -14.62
N VAL A 215 0.65 -5.77 -14.99
CA VAL A 215 1.17 -4.49 -14.51
C VAL A 215 1.71 -3.74 -15.70
N ALA A 216 1.34 -2.47 -15.82
CA ALA A 216 1.76 -1.63 -16.94
C ALA A 216 2.52 -0.43 -16.44
N VAL A 217 3.69 -0.17 -17.01
CA VAL A 217 4.52 0.94 -16.56
C VAL A 217 4.81 1.90 -17.70
N TYR A 218 4.58 3.19 -17.43
CA TYR A 218 5.00 4.25 -18.33
C TYR A 218 6.26 4.84 -17.74
N SER A 219 7.37 4.70 -18.46
CA SER A 219 8.66 5.19 -17.97
C SER A 219 9.00 6.52 -18.62
N TYR A 220 9.40 7.48 -17.79
CA TYR A 220 9.72 8.83 -18.22
C TYR A 220 11.06 9.28 -17.67
N SER A 221 12.11 9.08 -18.47
CA SER A 221 13.44 9.54 -18.15
C SER A 221 13.59 10.98 -18.63
N CYS A 222 14.16 11.84 -17.78
CA CYS A 222 14.33 13.26 -18.09
C CYS A 222 15.61 13.49 -18.91
N GLU A 223 15.65 12.88 -20.10
CA GLU A 223 16.84 12.87 -20.95
C GLU A 223 16.50 13.39 -22.34
N GLU A 236 30.67 -3.07 -22.55
CA GLU A 236 30.90 -4.13 -21.57
C GLU A 236 29.67 -4.33 -20.66
N GLY A 237 28.51 -4.54 -21.28
CA GLY A 237 27.26 -4.70 -20.53
C GLY A 237 26.40 -3.45 -20.60
N ARG A 238 25.56 -3.25 -19.59
CA ARG A 238 24.51 -2.24 -19.65
C ARG A 238 25.08 -0.85 -19.45
N ASP A 239 24.58 0.09 -20.26
CA ASP A 239 25.00 1.49 -20.21
C ASP A 239 24.54 2.13 -18.88
N PRO A 240 25.52 2.60 -18.05
CA PRO A 240 25.20 3.12 -16.71
C PRO A 240 24.32 4.38 -16.70
N ASP A 241 24.38 5.17 -17.77
CA ASP A 241 23.63 6.43 -17.87
C ASP A 241 22.16 6.26 -18.24
N ILE A 242 21.80 5.12 -18.81
CA ILE A 242 20.41 4.85 -19.20
C ILE A 242 19.71 4.03 -18.14
N TRP A 243 18.44 4.37 -17.89
CA TRP A 243 17.61 3.59 -16.99
C TRP A 243 17.17 2.29 -17.64
N HIS A 244 17.20 1.22 -16.85
CA HIS A 244 16.74 -0.09 -17.29
C HIS A 244 15.80 -0.69 -16.26
N VAL A 245 14.89 -1.55 -16.71
CA VAL A 245 14.19 -2.46 -15.82
C VAL A 245 14.89 -3.79 -15.99
N GLY A 246 15.18 -4.46 -14.86
CA GLY A 246 15.89 -5.74 -14.89
C GLY A 246 14.95 -6.88 -14.58
N PHE A 247 15.24 -8.09 -15.07
CA PHE A 247 14.42 -9.24 -14.76
C PHE A 247 15.26 -10.45 -14.48
N LYS A 248 14.76 -11.28 -13.58
CA LYS A 248 15.36 -12.57 -13.29
C LYS A 248 14.21 -13.51 -12.93
N ILE A 249 14.49 -14.81 -13.00
CA ILE A 249 13.57 -15.83 -12.51
C ILE A 249 13.80 -15.94 -11.01
N SER A 250 12.73 -16.17 -10.26
CA SER A 250 12.82 -16.29 -8.82
C SER A 250 13.72 -17.48 -8.50
N TRP A 251 14.48 -17.36 -7.41
CA TRP A 251 15.37 -18.43 -6.92
C TRP A 251 16.60 -18.68 -7.78
N ASP A 252 16.71 -17.98 -8.91
CA ASP A 252 17.65 -18.37 -9.96
C ASP A 252 18.57 -17.20 -10.32
N ILE A 253 19.85 -17.34 -9.96
CA ILE A 253 20.91 -16.41 -10.37
C ILE A 253 21.90 -17.04 -11.35
N GLU A 254 21.54 -18.16 -11.96
CA GLU A 254 22.36 -18.83 -12.97
C GLU A 254 21.90 -18.46 -14.36
N THR A 255 20.59 -18.47 -14.60
CA THR A 255 20.06 -17.97 -15.84
C THR A 255 20.36 -16.47 -15.91
N PRO A 256 21.12 -16.05 -16.92
CA PRO A 256 21.40 -14.63 -17.04
C PRO A 256 20.13 -13.79 -16.97
N GLY A 257 20.19 -12.67 -16.25
CA GLY A 257 19.05 -11.79 -16.14
C GLY A 257 19.03 -10.87 -17.34
N LEU A 258 17.89 -10.23 -17.59
CA LEU A 258 17.78 -9.22 -18.64
C LEU A 258 17.76 -7.83 -18.04
N ALA A 259 18.35 -6.88 -18.77
CA ALA A 259 18.24 -5.47 -18.43
C ALA A 259 17.64 -4.81 -19.66
N ILE A 260 16.39 -4.37 -19.56
CA ILE A 260 15.73 -3.74 -20.68
C ILE A 260 15.91 -2.24 -20.59
N PRO A 261 16.59 -1.63 -21.58
CA PRO A 261 16.73 -0.16 -21.58
C PRO A 261 15.40 0.54 -21.71
N LEU A 262 15.24 1.64 -20.97
CA LEU A 262 14.03 2.43 -20.99
C LEU A 262 14.36 3.85 -21.36
N HIS A 263 13.86 4.29 -22.50
CA HIS A 263 14.05 5.65 -22.97
C HIS A 263 12.79 6.39 -22.67
N GLN A 264 12.83 7.69 -22.88
CA GLN A 264 11.72 8.57 -22.56
C GLN A 264 10.44 8.09 -23.23
N GLY A 265 9.40 7.85 -22.44
CA GLY A 265 8.07 7.48 -22.95
C GLY A 265 7.90 6.01 -23.31
N ASP A 266 8.90 5.19 -23.04
CA ASP A 266 8.77 3.74 -23.24
C ASP A 266 7.84 3.16 -22.18
N CYS A 267 7.08 2.14 -22.57
CA CYS A 267 6.19 1.40 -21.67
C CYS A 267 6.51 -0.07 -21.65
N TYR A 268 6.54 -0.67 -20.46
CA TYR A 268 6.58 -2.12 -20.38
C TYR A 268 5.39 -2.70 -19.62
N PHE A 269 5.12 -3.98 -19.85
CA PHE A 269 3.94 -4.66 -19.36
C PHE A 269 4.38 -6.00 -18.80
N MET A 270 3.96 -6.32 -17.57
CA MET A 270 4.14 -7.65 -17.03
C MET A 270 2.80 -8.34 -17.05
N LEU A 271 2.72 -9.49 -17.72
CA LEU A 271 1.47 -10.14 -17.99
C LEU A 271 1.35 -11.45 -17.27
N ASP A 272 0.09 -11.79 -16.95
CA ASP A 272 -0.26 -13.10 -16.42
C ASP A 272 0.61 -13.39 -15.18
N ASP A 273 1.28 -14.53 -15.13
CA ASP A 273 2.01 -14.90 -13.92
C ASP A 273 3.47 -14.37 -13.89
N LEU A 274 3.83 -13.46 -14.80
CA LEU A 274 5.21 -12.99 -14.85
C LEU A 274 5.68 -12.36 -13.54
N ASN A 275 4.86 -11.49 -12.98
CA ASN A 275 5.18 -10.82 -11.73
C ASN A 275 5.38 -11.77 -10.54
N ALA A 276 4.80 -12.96 -10.62
CA ALA A 276 4.95 -13.96 -9.55
C ALA A 276 6.13 -14.86 -9.78
N THR A 277 6.37 -15.24 -11.03
CA THR A 277 7.45 -16.19 -11.35
C THR A 277 8.79 -15.52 -11.50
N HIS A 278 8.77 -14.21 -11.71
CA HIS A 278 10.00 -13.47 -11.90
C HIS A 278 10.10 -12.31 -10.91
N GLN A 279 11.33 -11.89 -10.64
CA GLN A 279 11.61 -10.68 -9.88
C GLN A 279 12.06 -9.60 -10.83
N HIS A 280 11.78 -8.35 -10.50
CA HIS A 280 12.36 -7.26 -11.28
C HIS A 280 12.96 -6.20 -10.37
N CYS A 281 13.86 -5.42 -10.95
CA CYS A 281 14.47 -4.30 -10.26
C CYS A 281 14.48 -3.12 -11.19
N VAL A 282 14.93 -1.97 -10.68
CA VAL A 282 15.14 -0.80 -11.53
C VAL A 282 16.59 -0.37 -11.44
N LEU A 283 17.20 -0.18 -12.60
CA LEU A 283 18.60 0.19 -12.68
C LEU A 283 18.69 1.67 -12.96
N ALA A 284 19.45 2.37 -12.13
CA ALA A 284 19.53 3.82 -12.24
C ALA A 284 20.34 4.25 -13.44
N GLY A 285 19.87 5.30 -14.10
CA GLY A 285 20.65 6.02 -15.08
C GLY A 285 21.30 7.24 -14.45
N SER A 286 21.76 8.14 -15.31
CA SER A 286 22.45 9.34 -14.85
C SER A 286 21.48 10.45 -14.48
N GLN A 287 20.33 10.50 -15.16
CA GLN A 287 19.35 11.57 -15.00
C GLN A 287 18.20 11.14 -14.07
N PRO A 288 17.36 12.11 -13.65
CA PRO A 288 16.15 11.76 -12.91
C PRO A 288 15.12 11.09 -13.80
N ARG A 289 14.24 10.28 -13.19
CA ARG A 289 13.20 9.55 -13.91
C ARG A 289 11.93 9.49 -13.10
N PHE A 290 10.81 9.63 -13.80
CA PHE A 290 9.48 9.37 -13.27
C PHE A 290 8.99 8.04 -13.81
N SER A 291 8.03 7.44 -13.12
CA SER A 291 7.29 6.31 -13.67
C SER A 291 5.88 6.25 -13.12
N SER A 292 4.99 5.63 -13.89
CA SER A 292 3.60 5.43 -13.54
C SER A 292 3.37 3.93 -13.63
N THR A 293 3.04 3.30 -12.52
CA THR A 293 2.90 1.85 -12.46
C THR A 293 1.46 1.47 -12.12
N HIS A 294 0.71 1.13 -13.16
CA HIS A 294 -0.72 0.89 -13.09
C HIS A 294 -0.92 -0.56 -12.71
N ARG A 295 -1.77 -0.79 -11.72
CA ARG A 295 -1.91 -2.12 -11.13
C ARG A 295 -3.37 -2.41 -10.83
N VAL A 296 -3.67 -3.68 -10.68
CA VAL A 296 -4.95 -4.12 -10.13
C VAL A 296 -4.73 -4.55 -8.68
N ALA A 297 -4.86 -3.58 -7.79
CA ALA A 297 -4.75 -3.80 -6.35
C ALA A 297 -5.81 -4.77 -5.85
N GLU A 298 -5.36 -5.78 -5.13
CA GLU A 298 -6.27 -6.64 -4.42
C GLU A 298 -6.80 -5.78 -3.25
N CYS A 299 -8.08 -5.41 -3.31
CA CYS A 299 -8.62 -4.44 -2.38
C CYS A 299 -9.91 -4.95 -1.71
N SER A 300 -10.03 -6.27 -1.54
CA SER A 300 -11.23 -6.85 -0.93
C SER A 300 -11.38 -6.51 0.57
N THR A 301 -10.30 -6.08 1.20
CA THR A 301 -10.37 -5.50 2.54
C THR A 301 -9.64 -4.18 2.54
N GLY A 302 -9.69 -3.48 1.40
CA GLY A 302 -8.84 -2.34 1.17
C GLY A 302 -9.52 -1.10 0.69
N THR A 303 -10.85 -1.03 0.82
CA THR A 303 -11.61 0.16 0.43
C THR A 303 -12.35 0.79 1.63
N LEU A 304 -12.60 2.09 1.52
CA LEU A 304 -13.39 2.81 2.50
C LEU A 304 -14.73 2.14 2.73
N ASP A 305 -15.44 1.82 1.63
CA ASP A 305 -16.74 1.17 1.72
C ASP A 305 -16.65 -0.10 2.53
N TYR A 306 -15.60 -0.90 2.27
CA TYR A 306 -15.42 -2.16 3.00
C TYR A 306 -15.26 -1.93 4.50
N ILE A 307 -14.39 -1.00 4.88
CA ILE A 307 -14.10 -0.80 6.30
C ILE A 307 -15.26 -0.13 7.04
N LEU A 308 -15.96 0.80 6.38
CA LEU A 308 -17.20 1.37 6.93
C LEU A 308 -18.23 0.28 7.20
N GLN A 309 -18.33 -0.68 6.30
CA GLN A 309 -19.27 -1.80 6.48
C GLN A 309 -18.86 -2.70 7.65
N ARG A 310 -17.55 -2.84 7.87
CA ARG A 310 -17.04 -3.59 9.02
C ARG A 310 -17.38 -2.87 10.33
N CYS A 311 -17.31 -1.54 10.29
CA CYS A 311 -17.59 -0.76 11.48
C CYS A 311 -19.07 -0.89 11.83
N GLN A 312 -19.92 -0.70 10.83
CA GLN A 312 -21.36 -0.89 10.94
C GLN A 312 -21.70 -2.26 11.54
N LEU A 313 -20.96 -3.30 11.15
CA LEU A 313 -21.18 -4.64 11.68
C LEU A 313 -20.82 -4.77 13.17
N ALA A 314 -19.71 -4.16 13.58
CA ALA A 314 -19.35 -4.15 15.00
C ALA A 314 -20.45 -3.42 15.80
N LEU A 315 -20.87 -2.27 15.30
CA LEU A 315 -21.84 -1.43 15.98
C LEU A 315 -23.28 -1.94 15.94
N GLN A 316 -23.53 -3.05 15.26
CA GLN A 316 -24.82 -3.73 15.36
C GLN A 316 -25.08 -4.34 16.75
N ASN A 317 -24.00 -4.57 17.52
CA ASN A 317 -24.13 -5.09 18.88
C ASN A 317 -24.36 -3.97 19.90
N VAL A 318 -24.49 -2.73 19.42
CA VAL A 318 -24.64 -1.55 20.27
C VAL A 318 -26.02 -0.90 20.17
N CYS A 319 -26.62 -0.60 21.31
CA CYS A 319 -27.89 0.13 21.34
C CYS A 319 -27.63 1.53 20.81
N ASP A 320 -28.27 1.84 19.68
CA ASP A 320 -27.89 3.01 18.88
C ASP A 320 -28.94 4.12 18.86
N ASP A 321 -29.78 4.17 19.89
CA ASP A 321 -30.72 5.28 20.02
C ASP A 321 -29.99 6.61 19.96
N VAL A 322 -28.87 6.71 20.66
CA VAL A 322 -28.21 8.00 20.87
C VAL A 322 -26.70 7.84 21.01
N ASP A 323 -25.95 8.83 20.52
CA ASP A 323 -24.48 8.81 20.58
C ASP A 323 -23.99 9.55 21.82
N ASN A 324 -23.75 8.79 22.89
CA ASN A 324 -23.20 9.35 24.13
C ASN A 324 -22.18 8.36 24.72
N ASP A 325 -21.67 8.69 25.91
CA ASP A 325 -20.63 7.85 26.53
C ASP A 325 -21.21 6.61 27.20
N ASP A 326 -22.54 6.50 27.23
CA ASP A 326 -23.24 5.40 27.88
C ASP A 326 -23.48 4.22 26.92
N VAL A 327 -22.41 3.51 26.57
CA VAL A 327 -22.48 2.43 25.59
C VAL A 327 -22.99 1.16 26.21
N SER A 328 -24.11 0.69 25.68
CA SER A 328 -24.78 -0.50 26.15
C SER A 328 -24.86 -1.51 25.01
N LEU A 329 -24.69 -2.79 25.33
CA LEU A 329 -24.51 -3.82 24.32
C LEU A 329 -25.65 -4.84 24.28
N LYS A 330 -26.05 -5.21 23.06
CA LYS A 330 -27.16 -6.14 22.88
C LYS A 330 -26.83 -7.57 23.30
N SER A 331 -25.58 -7.98 23.09
CA SER A 331 -25.18 -9.36 23.40
C SER A 331 -23.76 -9.42 23.95
N PHE A 332 -23.51 -10.49 24.69
CA PHE A 332 -22.20 -10.79 25.21
C PHE A 332 -21.81 -12.22 24.83
N GLU A 333 -22.37 -12.71 23.72
CA GLU A 333 -21.97 -14.01 23.18
C GLU A 333 -20.53 -13.92 22.67
N PRO A 334 -19.62 -14.77 23.21
CA PRO A 334 -18.21 -14.79 22.82
C PRO A 334 -17.93 -14.42 21.37
N ALA A 335 -18.56 -15.12 20.44
CA ALA A 335 -18.31 -14.95 19.00
C ALA A 335 -18.62 -13.54 18.49
N VAL A 336 -19.67 -12.92 19.04
CA VAL A 336 -20.02 -11.55 18.69
C VAL A 336 -19.01 -10.54 19.27
N LEU A 337 -18.50 -10.82 20.47
CA LEU A 337 -17.53 -9.94 21.13
C LEU A 337 -16.16 -10.00 20.47
N LYS A 338 -15.70 -11.22 20.19
CA LYS A 338 -14.47 -11.42 19.45
C LYS A 338 -14.47 -10.58 18.18
N GLN A 339 -15.54 -10.71 17.39
CA GLN A 339 -15.67 -10.02 16.11
C GLN A 339 -15.56 -8.51 16.29
N GLY A 340 -16.20 -8.01 17.35
CA GLY A 340 -16.24 -6.57 17.59
C GLY A 340 -14.85 -6.02 17.88
N GLU A 341 -14.11 -6.74 18.71
CA GLU A 341 -12.76 -6.33 19.10
C GLU A 341 -11.78 -6.52 17.94
N GLU A 342 -12.02 -7.54 17.13
CA GLU A 342 -11.24 -7.74 15.89
C GLU A 342 -11.43 -6.56 14.93
N ILE A 343 -12.68 -6.13 14.76
CA ILE A 343 -12.98 -4.99 13.90
C ILE A 343 -12.38 -3.71 14.50
N HIS A 344 -12.46 -3.57 15.83
CA HIS A 344 -11.82 -2.48 16.58
C HIS A 344 -10.34 -2.37 16.17
N ASN A 345 -9.62 -3.47 16.22
CA ASN A 345 -8.23 -3.49 15.77
C ASN A 345 -8.09 -3.15 14.29
N GLU A 346 -8.95 -3.72 13.45
CA GLU A 346 -8.84 -3.50 12.00
C GLU A 346 -8.90 -2.01 11.68
N VAL A 347 -9.97 -1.34 12.11
CA VAL A 347 -10.12 0.08 11.82
C VAL A 347 -8.98 0.91 12.45
N GLU A 348 -8.51 0.49 13.61
CA GLU A 348 -7.50 1.27 14.31
C GLU A 348 -6.14 1.23 13.62
N PHE A 349 -5.67 0.02 13.30
CA PHE A 349 -4.29 -0.17 12.86
C PHE A 349 -4.12 -0.21 11.34
N GLU A 350 -5.09 -0.76 10.62
CA GLU A 350 -5.01 -0.80 9.16
C GLU A 350 -5.40 0.53 8.55
N TRP A 351 -6.17 1.33 9.29
CA TRP A 351 -6.74 2.54 8.71
C TRP A 351 -6.25 3.78 9.43
N LEU A 352 -6.65 3.98 10.68
CA LEU A 352 -6.34 5.22 11.38
C LEU A 352 -4.84 5.48 11.53
N ARG A 353 -4.13 4.54 12.14
CA ARG A 353 -2.71 4.76 12.40
C ARG A 353 -1.90 4.81 11.12
N GLN A 354 -2.23 3.96 10.15
CA GLN A 354 -1.61 4.01 8.83
C GLN A 354 -1.77 5.39 8.22
N PHE A 355 -2.99 5.92 8.27
CA PHE A 355 -3.27 7.20 7.65
C PHE A 355 -2.47 8.33 8.28
N TRP A 356 -2.54 8.41 9.60
CA TRP A 356 -1.93 9.51 10.34
C TRP A 356 -0.41 9.40 10.46
N PHE A 357 0.12 8.20 10.31
CA PHE A 357 1.58 8.00 10.21
C PHE A 357 2.20 8.78 9.05
N GLN A 358 1.40 9.03 8.03
CA GLN A 358 1.86 9.75 6.84
C GLN A 358 1.75 11.28 7.01
N GLY A 359 1.63 11.74 8.27
CA GLY A 359 1.72 13.16 8.62
C GLY A 359 0.72 14.09 7.96
N ASN A 360 -0.37 13.53 7.44
CA ASN A 360 -1.33 14.28 6.64
C ASN A 360 -0.63 15.08 5.55
N ARG A 361 -0.24 14.35 4.50
CA ARG A 361 0.43 14.92 3.36
C ARG A 361 -0.50 14.81 2.15
N TYR A 362 -1.79 14.65 2.46
CA TYR A 362 -2.84 14.48 1.47
C TYR A 362 -3.49 15.82 1.26
N ARG A 363 -3.84 16.48 2.38
CA ARG A 363 -4.30 17.85 2.33
C ARG A 363 -3.34 18.73 1.53
N LYS A 364 -2.12 18.25 1.28
CA LYS A 364 -1.26 18.89 0.28
C LYS A 364 -1.73 18.64 -1.16
N CYS A 365 -2.36 17.50 -1.43
CA CYS A 365 -2.89 17.22 -2.78
C CYS A 365 -4.42 16.94 -2.85
N THR A 366 -5.03 16.48 -1.75
CA THR A 366 -6.49 16.32 -1.68
C THR A 366 -7.03 16.31 -0.25
N ASP A 367 -8.31 16.66 -0.08
CA ASP A 367 -8.93 16.55 1.24
C ASP A 367 -9.98 15.43 1.26
N TRP A 368 -9.95 14.57 0.24
CA TRP A 368 -10.96 13.51 0.05
C TRP A 368 -11.10 12.59 1.27
N TRP A 369 -9.97 12.30 1.93
CA TRP A 369 -9.94 11.35 3.04
C TRP A 369 -10.20 12.03 4.39
N CYS A 370 -10.36 13.35 4.41
CA CYS A 370 -10.54 14.09 5.69
C CYS A 370 -11.79 13.67 6.47
N GLN A 371 -12.97 13.81 5.87
CA GLN A 371 -14.20 13.45 6.55
C GLN A 371 -14.26 11.92 6.75
N PRO A 372 -13.86 11.13 5.74
CA PRO A 372 -13.81 9.68 5.98
C PRO A 372 -12.96 9.29 7.18
N MET A 373 -11.79 9.89 7.34
CA MET A 373 -10.94 9.62 8.51
C MET A 373 -11.53 10.14 9.82
N ALA A 374 -12.27 11.25 9.77
CA ALA A 374 -13.01 11.74 10.93
C ALA A 374 -14.13 10.76 11.28
N GLN A 375 -14.82 10.24 10.26
CA GLN A 375 -15.91 9.29 10.46
C GLN A 375 -15.43 7.96 11.04
N LEU A 376 -14.30 7.46 10.54
CA LEU A 376 -13.74 6.22 11.05
C LEU A 376 -13.26 6.39 12.47
N GLU A 377 -12.72 7.56 12.79
CA GLU A 377 -12.18 7.81 14.12
C GLU A 377 -13.28 7.84 15.16
N ALA A 378 -14.37 8.53 14.84
CA ALA A 378 -15.55 8.53 15.69
C ALA A 378 -16.12 7.11 15.86
N LEU A 379 -16.12 6.33 14.79
CA LEU A 379 -16.62 4.95 14.85
C LEU A 379 -15.70 4.12 15.74
N TRP A 380 -14.40 4.36 15.64
CA TRP A 380 -13.44 3.73 16.55
C TRP A 380 -13.61 4.20 18.00
N LYS A 381 -13.95 5.47 18.19
CA LYS A 381 -14.20 6.02 19.53
C LYS A 381 -15.30 5.22 20.21
N LYS A 382 -16.45 5.10 19.54
CA LYS A 382 -17.55 4.28 20.04
C LYS A 382 -17.08 2.88 20.39
N MET A 383 -16.23 2.30 19.55
CA MET A 383 -15.71 0.96 19.83
C MET A 383 -14.82 0.93 21.08
N GLU A 384 -14.20 2.05 21.44
CA GLU A 384 -13.46 2.13 22.71
C GLU A 384 -14.48 1.92 23.83
N GLY A 385 -15.54 2.73 23.81
CA GLY A 385 -16.69 2.53 24.69
C GLY A 385 -17.24 1.11 24.70
N VAL A 386 -17.16 0.41 23.57
CA VAL A 386 -17.60 -0.99 23.53
C VAL A 386 -16.68 -1.89 24.36
N THR A 387 -15.37 -1.70 24.25
CA THR A 387 -14.43 -2.53 24.98
C THR A 387 -14.62 -2.29 26.49
N ASN A 388 -14.73 -1.02 26.87
CA ASN A 388 -15.06 -0.66 28.23
C ASN A 388 -16.29 -1.42 28.75
N ALA A 389 -17.39 -1.34 28.02
CA ALA A 389 -18.61 -2.07 28.37
C ALA A 389 -18.35 -3.56 28.59
N VAL A 390 -17.52 -4.17 27.74
CA VAL A 390 -17.23 -5.60 27.85
C VAL A 390 -16.41 -5.87 29.11
N LEU A 391 -15.47 -4.98 29.40
CA LEU A 391 -14.68 -5.09 30.60
C LEU A 391 -15.58 -4.96 31.82
N HIS A 392 -16.49 -3.99 31.79
CA HIS A 392 -17.39 -3.78 32.92
CA HIS A 392 -17.46 -3.75 32.87
C HIS A 392 -18.29 -5.00 33.16
N GLU A 393 -18.76 -5.63 32.09
CA GLU A 393 -19.55 -6.87 32.24
C GLU A 393 -18.71 -8.02 32.82
N VAL A 394 -17.41 -8.03 32.52
CA VAL A 394 -16.52 -9.08 33.03
C VAL A 394 -16.30 -8.96 34.54
N LYS A 395 -16.09 -7.73 35.01
CA LYS A 395 -15.93 -7.44 36.44
C LYS A 395 -17.24 -7.45 37.22
N ARG A 396 -18.37 -7.58 36.53
CA ARG A 396 -19.68 -7.54 37.18
C ARG A 396 -19.91 -8.74 38.10
N GLU A 397 -20.38 -8.44 39.31
CA GLU A 397 -20.72 -9.46 40.30
C GLU A 397 -22.09 -10.03 39.93
N GLY A 398 -22.19 -11.36 39.90
CA GLY A 398 -23.43 -12.03 39.49
C GLY A 398 -23.32 -12.73 38.15
N LEU A 399 -22.14 -12.66 37.53
CA LEU A 399 -21.87 -13.31 36.25
C LEU A 399 -21.24 -14.68 36.54
N PRO A 400 -21.91 -15.78 36.14
CA PRO A 400 -21.28 -17.08 36.34
C PRO A 400 -19.90 -17.16 35.70
N VAL A 401 -18.93 -17.68 36.45
CA VAL A 401 -17.53 -17.68 36.05
C VAL A 401 -17.30 -18.42 34.71
N GLU A 402 -18.14 -19.42 34.42
CA GLU A 402 -18.08 -20.15 33.16
C GLU A 402 -18.37 -19.24 31.96
N GLN A 403 -19.33 -18.34 32.12
CA GLN A 403 -19.65 -17.37 31.09
C GLN A 403 -18.59 -16.28 31.01
N ARG A 404 -17.98 -15.97 32.15
CA ARG A 404 -16.89 -14.99 32.20
C ARG A 404 -15.69 -15.51 31.43
N ASN A 405 -15.32 -16.76 31.68
CA ASN A 405 -14.18 -17.39 31.01
C ASN A 405 -14.41 -17.65 29.53
N GLU A 406 -15.67 -17.80 29.14
CA GLU A 406 -16.04 -17.92 27.74
C GLU A 406 -15.74 -16.60 27.01
N ILE A 407 -16.05 -15.50 27.67
CA ILE A 407 -15.83 -14.16 27.13
C ILE A 407 -14.33 -13.84 27.02
N LEU A 408 -13.58 -14.06 28.10
CA LEU A 408 -12.13 -13.86 28.10
C LEU A 408 -11.44 -14.57 26.94
N THR A 409 -11.76 -15.84 26.76
CA THR A 409 -11.21 -16.63 25.66
C THR A 409 -11.52 -16.03 24.28
N ALA A 410 -12.65 -15.33 24.18
CA ALA A 410 -13.04 -14.72 22.90
C ALA A 410 -12.27 -13.44 22.58
N ILE A 411 -11.90 -12.68 23.61
CA ILE A 411 -11.35 -11.33 23.41
C ILE A 411 -9.87 -11.14 23.77
N LEU A 412 -9.23 -12.17 24.31
CA LEU A 412 -7.87 -11.97 24.83
C LEU A 412 -6.84 -11.80 23.72
N ALA A 413 -6.93 -12.63 22.69
CA ALA A 413 -6.08 -12.51 21.50
C ALA A 413 -6.16 -11.09 20.90
N SER A 414 -7.37 -10.53 20.80
CA SER A 414 -7.58 -9.17 20.27
C SER A 414 -7.01 -8.06 21.14
N LEU A 415 -7.18 -8.17 22.46
CA LEU A 415 -6.64 -7.16 23.37
C LEU A 415 -5.12 -7.28 23.46
N THR A 416 -4.62 -8.51 23.41
CA THR A 416 -3.16 -8.78 23.35
C THR A 416 -2.57 -8.07 22.12
N ALA A 417 -3.09 -8.42 20.95
CA ALA A 417 -2.64 -7.83 19.68
C ALA A 417 -2.77 -6.31 19.70
N ARG A 418 -3.84 -5.81 20.32
CA ARG A 418 -4.03 -4.36 20.40
C ARG A 418 -2.94 -3.68 21.22
N GLN A 419 -2.42 -4.39 22.24
CA GLN A 419 -1.30 -3.90 23.07
C GLN A 419 -0.02 -3.90 22.27
N ASN A 420 0.33 -5.07 21.73
CA ASN A 420 1.57 -5.24 20.98
C ASN A 420 1.69 -4.29 19.78
N LEU A 421 0.62 -4.20 18.99
CA LEU A 421 0.63 -3.33 17.82
C LEU A 421 0.69 -1.86 18.23
N ARG A 422 0.01 -1.51 19.30
CA ARG A 422 0.05 -0.13 19.82
C ARG A 422 1.46 0.30 20.26
N ARG A 423 2.23 -0.64 20.78
CA ARG A 423 3.62 -0.37 21.14
C ARG A 423 4.41 -0.14 19.86
N GLU A 424 4.33 -1.10 18.94
CA GLU A 424 5.01 -0.99 17.63
C GLU A 424 4.74 0.35 16.97
N TRP A 425 3.47 0.75 16.89
CA TRP A 425 3.13 2.02 16.24
C TRP A 425 3.71 3.21 16.99
N HIS A 426 3.72 3.16 18.32
CA HIS A 426 4.25 4.26 19.12
C HIS A 426 5.76 4.40 18.91
N ALA A 427 6.48 3.29 19.03
CA ALA A 427 7.90 3.25 18.73
C ALA A 427 8.14 3.85 17.35
N ARG A 428 7.48 3.29 16.34
CA ARG A 428 7.65 3.66 14.93
C ARG A 428 7.41 5.16 14.65
N CYS A 429 6.68 5.84 15.53
CA CYS A 429 6.46 7.28 15.40
C CYS A 429 7.57 8.13 16.06
N GLN A 430 8.44 7.50 16.85
CA GLN A 430 9.60 8.19 17.48
C GLN A 430 10.93 7.77 16.83
N SER A 431 11.40 6.55 17.14
CA SER A 431 12.51 5.89 16.42
C SER A 431 13.78 6.73 16.16
N ARG A 432 14.65 6.21 15.30
CA ARG A 432 15.83 6.93 14.83
C ARG A 432 15.44 7.92 13.73
N ILE A 433 15.09 7.40 12.56
CA ILE A 433 14.95 8.20 11.33
C ILE A 433 13.73 9.13 11.30
N ALA A 434 12.68 8.77 12.04
CA ALA A 434 11.50 9.63 12.13
C ALA A 434 11.87 11.00 12.71
N ARG A 435 12.95 11.03 13.49
CA ARG A 435 13.61 12.26 13.94
C ARG A 435 13.73 13.29 12.81
N THR A 436 14.39 12.90 11.73
CA THR A 436 14.80 13.82 10.66
C THR A 436 13.64 14.42 9.86
N LEU A 437 12.68 13.59 9.49
CA LEU A 437 11.62 13.96 8.54
C LEU A 437 11.05 15.36 8.80
N PRO A 438 10.70 16.09 7.72
CA PRO A 438 10.21 17.46 7.92
C PRO A 438 8.96 17.49 8.79
N ALA A 439 8.94 18.38 9.77
CA ALA A 439 7.78 18.54 10.66
C ALA A 439 6.49 18.88 9.89
N ASP A 440 6.63 19.27 8.62
CA ASP A 440 5.49 19.61 7.77
C ASP A 440 4.71 18.37 7.29
N GLN A 441 5.31 17.19 7.43
CA GLN A 441 4.63 15.92 7.11
C GLN A 441 5.30 14.74 7.84
N LYS A 442 5.50 14.91 9.14
CA LYS A 442 6.18 13.93 9.99
C LYS A 442 5.13 13.05 10.70
N PRO A 443 5.48 11.78 11.01
CA PRO A 443 4.48 10.83 11.56
C PRO A 443 3.79 11.25 12.86
N GLU A 444 2.48 11.40 12.79
CA GLU A 444 1.63 11.62 13.96
C GLU A 444 1.10 10.28 14.49
N CYS A 445 1.30 10.04 15.80
CA CYS A 445 0.82 8.80 16.44
C CYS A 445 -0.62 8.97 16.88
N ARG A 446 -1.54 9.05 15.91
CA ARG A 446 -2.96 9.25 16.20
C ARG A 446 -3.68 7.92 16.05
N PRO A 447 -4.75 7.68 16.84
CA PRO A 447 -5.22 8.46 17.98
C PRO A 447 -4.33 8.25 19.20
N TYR A 448 -4.13 9.31 20.00
CA TYR A 448 -3.33 9.25 21.23
C TYR A 448 -3.89 10.18 22.31
N TRP A 449 -3.98 9.67 23.54
CA TRP A 449 -4.53 10.41 24.68
C TRP A 449 -3.73 10.05 25.93
N GLU A 450 -3.58 11.02 26.84
CA GLU A 450 -2.81 10.81 28.06
C GLU A 450 -3.61 10.08 29.12
N LYS A 451 -2.90 9.48 30.07
CA LYS A 451 -3.51 8.81 31.23
C LYS A 451 -4.56 9.72 31.90
N ASP A 452 -4.27 11.02 31.95
CA ASP A 452 -5.18 12.02 32.54
C ASP A 452 -6.45 12.31 31.72
N ASP A 453 -6.45 11.96 30.44
CA ASP A 453 -7.55 12.32 29.55
C ASP A 453 -8.80 11.48 29.82
N ALA A 454 -9.84 12.13 30.33
CA ALA A 454 -11.10 11.47 30.66
C ALA A 454 -12.23 11.76 29.65
N SER A 455 -11.87 12.11 28.42
CA SER A 455 -12.81 12.05 27.30
C SER A 455 -12.84 10.61 26.74
N MET A 456 -11.80 9.84 27.07
CA MET A 456 -11.68 8.46 26.60
C MET A 456 -11.95 7.51 27.76
N PRO A 457 -12.77 6.48 27.53
CA PRO A 457 -13.10 5.52 28.59
C PRO A 457 -11.94 4.65 29.08
N LEU A 458 -11.07 4.23 28.16
CA LEU A 458 -9.98 3.32 28.50
C LEU A 458 -8.62 4.01 28.33
N PRO A 459 -7.57 3.46 28.97
CA PRO A 459 -6.22 3.96 28.76
C PRO A 459 -5.62 3.44 27.45
N PHE A 460 -4.74 4.24 26.85
CA PHE A 460 -3.94 3.80 25.70
C PHE A 460 -3.06 2.59 26.02
N ASP A 461 -2.58 2.50 27.25
CA ASP A 461 -1.76 1.36 27.70
C ASP A 461 -2.66 0.30 28.32
N LEU A 462 -2.73 -0.88 27.69
CA LEU A 462 -3.64 -1.94 28.11
C LEU A 462 -2.97 -3.08 28.89
N THR A 463 -1.73 -2.85 29.33
CA THR A 463 -0.91 -3.90 29.93
C THR A 463 -1.50 -4.41 31.25
N ASP A 464 -1.90 -3.46 32.13
CA ASP A 464 -2.56 -3.80 33.39
C ASP A 464 -3.78 -4.69 33.12
N ILE A 465 -4.62 -4.19 32.22
CA ILE A 465 -5.87 -4.84 31.86
C ILE A 465 -5.64 -6.23 31.26
N VAL A 466 -4.57 -6.37 30.48
CA VAL A 466 -4.26 -7.65 29.85
C VAL A 466 -3.78 -8.68 30.88
N SER A 467 -2.86 -8.26 31.75
CA SER A 467 -2.37 -9.12 32.85
C SER A 467 -3.52 -9.61 33.71
N GLU A 468 -4.38 -8.67 34.12
CA GLU A 468 -5.51 -8.94 34.99
C GLU A 468 -6.49 -9.95 34.41
N LEU A 469 -6.74 -9.85 33.10
CA LEU A 469 -7.65 -10.77 32.41
C LEU A 469 -6.99 -12.14 32.17
N ARG A 470 -5.68 -12.13 31.96
CA ARG A 470 -4.92 -13.37 31.74
C ARG A 470 -4.79 -14.16 33.04
N GLY A 471 -4.69 -13.46 34.17
CA GLY A 471 -4.67 -14.10 35.48
C GLY A 471 -5.97 -14.81 35.80
N GLN A 472 -7.07 -14.08 35.65
CA GLN A 472 -8.41 -14.61 35.93
C GLN A 472 -8.70 -15.94 35.21
N LEU A 473 -8.25 -16.06 33.97
CA LEU A 473 -8.52 -17.25 33.16
C LEU A 473 -7.74 -18.47 33.66
N LEU A 474 -6.64 -18.22 34.39
CA LEU A 474 -5.86 -19.30 35.00
C LEU A 474 -6.34 -19.68 36.41
N GLU A 475 -7.09 -18.78 37.06
CA GLU A 475 -7.69 -19.06 38.36
C GLU A 475 -8.47 -20.38 38.33
N ALA A 476 -7.88 -21.43 38.91
CA ALA A 476 -8.50 -22.76 38.92
C ALA A 476 -9.27 -23.00 40.22
C1 AKG B . 8.62 0.61 -7.96
O1 AKG B . 7.68 0.12 -7.29
O2 AKG B . 9.22 1.67 -7.62
C2 AKG B . 9.01 -0.05 -9.19
O5 AKG B . 9.84 -0.94 -9.20
C3 AKG B . 8.30 0.37 -10.44
C4 AKG B . 9.02 -0.13 -11.67
C5 AKG B . 9.36 1.03 -12.56
O3 AKG B . 9.66 0.80 -13.76
O4 AKG B . 9.35 2.19 -12.09
O5 A4F C . 16.51 -1.71 -2.00
C17 A4F C . 15.45 -1.08 -2.22
O4 A4F C . 14.97 -0.96 -3.37
C18 A4F C . 14.73 -0.45 -1.09
C19 A4F C . 15.43 0.43 -0.27
C20 A4F C . 14.79 1.02 0.81
N1 A4F C . 15.44 1.85 1.60
C16 A4F C . 13.45 0.74 1.04
C15 A4F C . 12.75 -0.14 0.22
C14 A4F C . 13.37 -0.74 -0.88
C1 A4F C . 12.66 -1.64 -1.67
C13 A4F C . 11.52 -1.26 -2.42
C12 A4F C . 11.20 0.07 -2.71
C11 A4F C . 10.06 0.39 -3.46
C10 A4F C . 9.22 -0.61 -3.92
O3 A4F C . 8.11 -0.33 -4.63
C9 A4F C . 9.52 -1.94 -3.65
C8 A4F C . 10.65 -2.24 -2.92
O2 A4F C . 10.89 -3.58 -2.67
C2 A4F C . 12.89 -3.02 -1.43
C7 A4F C . 12.00 -3.97 -1.94
C6 A4F C . 12.21 -5.33 -1.72
C3 A4F C . 14.00 -3.47 -0.69
C4 A4F C . 14.20 -4.83 -0.49
C5 A4F C . 13.32 -5.77 -0.99
O1 A4F C . 13.54 -7.06 -0.77
MN MN D . 8.14 -2.16 -9.50
#